data_4J4W
#
_entry.id   4J4W
#
_cell.length_a   97.106
_cell.length_b   97.106
_cell.length_c   176.644
_cell.angle_alpha   90.00
_cell.angle_beta   90.00
_cell.angle_gamma   90.00
#
_symmetry.space_group_name_H-M   'I 4 2 2'
#
loop_
_entity.id
_entity.type
_entity.pdbx_description
1 polymer Nucleocapsid
2 water water
#
_entity_poly.entity_id   1
_entity_poly.type   'polypeptide(L)'
_entity_poly.pdbx_seq_one_letter_code
;SNAMSYEEIAIQFASESVDATTIAAWVSEFAYQGFDARQVINLVKQRGGDDWKEDVKKMIVLSLTRGNKPSKMLNKMSES
GQKIVNDLISKYKLKSGNPGRNDLTLSRIAAAFAGWTCQAAEVVQDYLPVTGRAMDAISDKFPRALMHPSFAGLVDPTLP
EGVVEDIVHAHCLFMIQFSKTINPSLRSSSKSEVVSSFDRPMQAAINSPFLTAGNRRDILMSLGLINSNLKPSPTVVAAA
KVYRKL
;
_entity_poly.pdbx_strand_id   A
#
# COMPACT_ATOMS: atom_id res chain seq x y z
N MET A 4 -13.52 -52.08 -16.15
CA MET A 4 -12.59 -51.42 -15.23
C MET A 4 -13.36 -50.70 -14.12
N SER A 5 -13.20 -51.15 -12.86
CA SER A 5 -13.87 -50.48 -11.73
C SER A 5 -13.28 -49.10 -11.44
N TYR A 6 -14.00 -48.32 -10.64
CA TYR A 6 -13.50 -47.01 -10.25
C TYR A 6 -12.16 -47.19 -9.53
N GLU A 7 -12.08 -48.24 -8.70
CA GLU A 7 -10.84 -48.57 -8.02
C GLU A 7 -9.67 -48.72 -8.97
N GLU A 8 -9.79 -49.59 -9.98
CA GLU A 8 -8.71 -49.79 -10.95
C GLU A 8 -8.30 -48.47 -11.61
N ILE A 9 -9.29 -47.70 -12.05
CA ILE A 9 -9.06 -46.39 -12.67
C ILE A 9 -8.22 -45.49 -11.76
N ALA A 10 -8.54 -45.46 -10.47
CA ALA A 10 -7.77 -44.64 -9.53
C ALA A 10 -6.35 -45.19 -9.33
N ILE A 11 -6.19 -46.52 -9.27
CA ILE A 11 -4.87 -47.14 -9.12
C ILE A 11 -3.97 -46.84 -10.30
N GLN A 12 -4.51 -47.03 -11.50
CA GLN A 12 -3.72 -46.80 -12.71
C GLN A 12 -3.32 -45.34 -12.79
N PHE A 13 -4.24 -44.45 -12.39
CA PHE A 13 -3.96 -43.02 -12.47
C PHE A 13 -2.76 -42.66 -11.58
N ALA A 14 -2.56 -43.42 -10.49
CA ALA A 14 -1.39 -43.18 -9.64
C ALA A 14 -0.09 -43.57 -10.33
N SER A 15 -0.18 -44.32 -11.43
CA SER A 15 1.00 -44.72 -12.19
C SER A 15 1.21 -43.83 -13.40
N GLU A 16 0.33 -42.86 -13.60
CA GLU A 16 0.47 -41.93 -14.71
C GLU A 16 1.72 -41.08 -14.58
N SER A 17 2.21 -40.56 -15.72
CA SER A 17 3.44 -39.76 -15.71
C SER A 17 3.32 -38.55 -14.79
N VAL A 18 4.41 -38.23 -14.11
CA VAL A 18 4.51 -36.97 -13.38
C VAL A 18 5.71 -36.18 -13.92
N ASP A 19 5.55 -35.65 -15.14
CA ASP A 19 6.65 -34.94 -15.81
C ASP A 19 6.91 -33.54 -15.23
N ALA A 20 8.09 -33.36 -14.63
CA ALA A 20 8.42 -32.11 -13.95
C ALA A 20 8.36 -30.88 -14.90
N THR A 21 8.88 -31.05 -16.11
CA THR A 21 8.90 -29.96 -17.08
C THR A 21 7.50 -29.43 -17.44
N THR A 22 6.58 -30.33 -17.77
CA THR A 22 5.21 -29.95 -18.11
C THR A 22 4.46 -29.32 -16.91
N ILE A 23 4.76 -29.82 -15.71
CA ILE A 23 4.09 -29.37 -14.52
C ILE A 23 4.56 -27.97 -14.15
N ALA A 24 5.88 -27.76 -14.23
CA ALA A 24 6.50 -26.46 -13.97
C ALA A 24 5.83 -25.38 -14.81
N ALA A 25 5.59 -25.67 -16.09
CA ALA A 25 4.91 -24.72 -16.97
C ALA A 25 3.51 -24.39 -16.45
N TRP A 26 2.77 -25.43 -16.01
CA TRP A 26 1.42 -25.27 -15.47
C TRP A 26 1.40 -24.37 -14.24
N VAL A 27 2.34 -24.62 -13.32
CA VAL A 27 2.49 -23.80 -12.13
C VAL A 27 2.66 -22.33 -12.51
N SER A 28 3.48 -22.08 -13.53
CA SER A 28 3.67 -20.73 -14.08
C SER A 28 2.37 -20.11 -14.58
N GLU A 29 1.59 -20.87 -15.35
CA GLU A 29 0.31 -20.38 -15.84
C GLU A 29 -0.61 -20.07 -14.66
N PHE A 30 -0.50 -20.88 -13.61
CA PHE A 30 -1.42 -20.84 -12.48
C PHE A 30 -0.86 -19.96 -11.37
N ALA A 31 0.32 -19.41 -11.60
CA ALA A 31 1.05 -18.67 -10.58
C ALA A 31 0.25 -17.49 -10.01
N TYR A 32 0.52 -17.16 -8.75
CA TYR A 32 -0.10 -16.00 -8.12
C TYR A 32 0.44 -14.72 -8.76
N GLN A 33 -0.47 -13.93 -9.34
CA GLN A 33 -0.15 -12.61 -9.87
C GLN A 33 -0.53 -11.52 -8.86
N GLY A 34 0.47 -10.96 -8.18
CA GLY A 34 0.23 -9.92 -7.19
C GLY A 34 -0.02 -8.52 -7.75
N PHE A 35 0.01 -7.53 -6.87
CA PHE A 35 -0.13 -6.12 -7.23
C PHE A 35 0.92 -5.73 -8.28
N ASP A 36 0.49 -4.98 -9.31
CA ASP A 36 1.42 -4.53 -10.35
C ASP A 36 1.15 -3.06 -10.72
N ALA A 37 1.93 -2.15 -10.13
CA ALA A 37 1.75 -0.72 -10.32
C ALA A 37 1.70 -0.31 -11.78
N ARG A 38 2.44 -1.03 -12.62
CA ARG A 38 2.48 -0.73 -14.05
C ARG A 38 1.10 -0.89 -14.70
N GLN A 39 0.38 -1.92 -14.26
CA GLN A 39 -0.94 -2.21 -14.80
C GLN A 39 -1.98 -1.21 -14.28
N VAL A 40 -1.81 -0.71 -13.05
CA VAL A 40 -2.70 0.32 -12.53
C VAL A 40 -2.58 1.60 -13.37
N ILE A 41 -1.33 1.95 -13.68
CA ILE A 41 -1.03 3.15 -14.45
C ILE A 41 -1.60 3.03 -15.86
N ASN A 42 -1.51 1.81 -16.39
CA ASN A 42 -2.06 1.48 -17.70
C ASN A 42 -3.56 1.75 -17.69
N LEU A 43 -4.27 1.09 -16.78
CA LEU A 43 -5.71 1.23 -16.69
C LEU A 43 -6.14 2.69 -16.46
N VAL A 44 -5.42 3.38 -15.57
CA VAL A 44 -5.70 4.79 -15.33
C VAL A 44 -5.57 5.61 -16.61
N LYS A 45 -4.48 5.42 -17.35
CA LYS A 45 -4.24 6.19 -18.56
C LYS A 45 -5.29 5.94 -19.67
N GLN A 46 -5.54 4.66 -19.95
CA GLN A 46 -6.58 4.24 -20.89
C GLN A 46 -7.94 4.82 -20.57
N ARG A 47 -8.39 4.63 -19.34
CA ARG A 47 -9.73 5.06 -18.95
C ARG A 47 -9.88 6.56 -18.68
N GLY A 48 -8.80 7.21 -18.26
CA GLY A 48 -8.86 8.60 -17.84
C GLY A 48 -8.70 9.67 -18.91
N GLY A 49 -8.21 9.29 -20.08
CA GLY A 49 -8.02 10.26 -21.14
C GLY A 49 -6.99 11.30 -20.74
N ASP A 50 -7.23 12.54 -21.15
CA ASP A 50 -6.23 13.59 -20.99
C ASP A 50 -6.18 14.19 -19.59
N ASP A 51 -7.31 14.18 -18.90
CA ASP A 51 -7.38 14.79 -17.58
C ASP A 51 -7.06 13.78 -16.47
N TRP A 52 -6.30 12.72 -16.79
CA TRP A 52 -6.13 11.62 -15.84
C TRP A 52 -5.37 11.98 -14.56
N LYS A 53 -4.33 12.82 -14.70
CA LYS A 53 -3.50 13.21 -13.56
C LYS A 53 -4.31 13.90 -12.49
N GLU A 54 -5.19 14.82 -12.91
CA GLU A 54 -6.04 15.54 -11.96
C GLU A 54 -6.99 14.54 -11.31
N ASP A 55 -7.51 13.61 -12.11
CA ASP A 55 -8.40 12.58 -11.59
C ASP A 55 -7.70 11.76 -10.52
N VAL A 56 -6.46 11.34 -10.82
CA VAL A 56 -5.68 10.55 -9.87
C VAL A 56 -5.50 11.27 -8.53
N LYS A 57 -5.21 12.57 -8.59
CA LYS A 57 -5.03 13.34 -7.37
C LYS A 57 -6.32 13.38 -6.55
N LYS A 58 -7.45 13.58 -7.24
CA LYS A 58 -8.76 13.57 -6.61
C LYS A 58 -9.02 12.22 -5.96
N MET A 59 -8.78 11.15 -6.71
CA MET A 59 -8.95 9.80 -6.18
C MET A 59 -8.02 9.50 -4.98
N ILE A 60 -6.80 10.03 -5.00
CA ILE A 60 -5.89 9.81 -3.89
C ILE A 60 -6.31 10.59 -2.64
N VAL A 61 -6.72 11.84 -2.82
CA VAL A 61 -7.24 12.63 -1.68
C VAL A 61 -8.49 11.90 -1.14
N LEU A 62 -9.31 11.38 -2.04
CA LEU A 62 -10.47 10.57 -1.66
C LEU A 62 -10.07 9.38 -0.77
N SER A 63 -9.12 8.59 -1.24
CA SER A 63 -8.59 7.45 -0.47
C SER A 63 -8.07 7.84 0.93
N LEU A 64 -7.27 8.90 0.98
CA LEU A 64 -6.66 9.35 2.23
C LEU A 64 -7.69 9.69 3.31
N THR A 65 -8.81 10.27 2.90
CA THR A 65 -9.76 10.83 3.86
C THR A 65 -10.98 9.95 4.08
N ARG A 66 -11.28 9.09 3.11
CA ARG A 66 -12.50 8.29 3.16
C ARG A 66 -12.33 6.78 2.92
N GLY A 67 -11.10 6.31 2.71
CA GLY A 67 -10.86 4.88 2.58
C GLY A 67 -11.09 4.28 1.19
N ASN A 68 -11.30 2.97 1.14
CA ASN A 68 -11.24 2.22 -0.11
C ASN A 68 -12.60 1.67 -0.61
N LYS A 69 -13.69 2.03 0.08
CA LYS A 69 -15.03 1.61 -0.35
C LYS A 69 -15.83 2.81 -0.86
N PRO A 70 -15.78 3.06 -2.19
CA PRO A 70 -16.32 4.27 -2.83
C PRO A 70 -17.85 4.33 -2.84
N SER A 71 -18.52 3.19 -2.80
CA SER A 71 -19.99 3.20 -2.74
C SER A 71 -20.53 3.44 -1.33
N LYS A 72 -19.98 2.74 -0.34
CA LYS A 72 -20.33 2.96 1.08
C LYS A 72 -20.00 4.40 1.49
N MET A 73 -19.06 5.00 0.76
CA MET A 73 -18.59 6.36 0.94
C MET A 73 -19.70 7.39 0.63
N LEU A 74 -20.48 7.10 -0.42
CA LEU A 74 -21.58 7.97 -0.88
C LEU A 74 -22.71 8.17 0.14
N ASN A 75 -22.82 7.26 1.10
CA ASN A 75 -23.88 7.30 2.10
C ASN A 75 -23.61 8.31 3.23
N LYS A 76 -22.49 9.02 3.14
CA LYS A 76 -22.12 10.00 4.16
C LYS A 76 -21.36 11.14 3.51
N MET A 77 -21.85 11.59 2.36
CA MET A 77 -21.16 12.60 1.57
C MET A 77 -22.13 13.68 1.14
N SER A 78 -21.68 14.93 1.16
CA SER A 78 -22.44 16.03 0.56
C SER A 78 -22.83 15.67 -0.88
N GLU A 79 -23.88 16.31 -1.40
CA GLU A 79 -24.38 15.98 -2.74
C GLU A 79 -23.44 16.47 -3.87
N SER A 80 -22.64 17.50 -3.59
CA SER A 80 -21.68 17.98 -4.58
C SER A 80 -20.52 17.00 -4.71
N GLY A 81 -20.05 16.48 -3.57
CA GLY A 81 -19.03 15.44 -3.56
C GLY A 81 -19.45 14.21 -4.33
N GLN A 82 -20.73 13.84 -4.21
CA GLN A 82 -21.23 12.63 -4.84
C GLN A 82 -21.21 12.74 -6.36
N LYS A 83 -21.39 13.94 -6.87
CA LYS A 83 -21.34 14.12 -8.32
C LYS A 83 -19.92 13.76 -8.82
N ILE A 84 -18.92 14.18 -8.04
CA ILE A 84 -17.51 13.92 -8.35
C ILE A 84 -17.14 12.44 -8.23
N VAL A 85 -17.46 11.86 -7.06
CA VAL A 85 -17.14 10.47 -6.78
C VAL A 85 -17.85 9.49 -7.73
N ASN A 86 -19.15 9.70 -7.98
CA ASN A 86 -19.88 8.87 -8.94
C ASN A 86 -19.26 8.99 -10.34
N ASP A 87 -18.70 10.15 -10.65
CA ASP A 87 -18.10 10.36 -11.95
C ASP A 87 -16.77 9.62 -12.08
N LEU A 88 -15.99 9.60 -10.99
CA LEU A 88 -14.73 8.86 -10.99
C LEU A 88 -15.00 7.35 -11.07
N ILE A 89 -15.96 6.90 -10.24
CA ILE A 89 -16.42 5.51 -10.26
C ILE A 89 -16.78 5.04 -11.67
N SER A 90 -17.58 5.83 -12.38
CA SER A 90 -17.98 5.46 -13.73
C SER A 90 -16.81 5.48 -14.70
N LYS A 91 -16.09 6.59 -14.72
CA LYS A 91 -14.99 6.76 -15.67
C LYS A 91 -13.93 5.67 -15.51
N TYR A 92 -13.58 5.37 -14.25
CA TYR A 92 -12.48 4.43 -13.97
C TYR A 92 -12.95 3.03 -13.59
N LYS A 93 -14.27 2.82 -13.63
CA LYS A 93 -14.91 1.54 -13.26
C LYS A 93 -14.40 1.08 -11.89
N LEU A 94 -14.43 2.01 -10.94
CA LEU A 94 -13.94 1.76 -9.60
C LEU A 94 -14.61 0.59 -8.90
N LYS A 95 -13.79 -0.26 -8.29
CA LYS A 95 -14.26 -1.39 -7.49
C LYS A 95 -13.83 -1.16 -6.04
N SER A 96 -14.27 -2.06 -5.16
CA SER A 96 -13.83 -2.05 -3.75
C SER A 96 -13.17 -3.40 -3.39
N GLY A 97 -12.46 -3.42 -2.26
CA GLY A 97 -11.78 -4.63 -1.83
C GLY A 97 -10.70 -5.12 -2.80
N ASN A 98 -10.72 -6.42 -3.10
CA ASN A 98 -9.61 -7.06 -3.82
C ASN A 98 -9.97 -7.86 -5.08
N PRO A 99 -10.26 -7.16 -6.20
CA PRO A 99 -10.61 -7.81 -7.47
C PRO A 99 -9.39 -8.14 -8.36
N GLY A 100 -9.63 -8.50 -9.62
CA GLY A 100 -8.59 -8.96 -10.53
C GLY A 100 -7.59 -7.94 -11.08
N ARG A 101 -6.80 -8.36 -12.07
CA ARG A 101 -5.73 -7.52 -12.64
C ARG A 101 -6.22 -6.44 -13.60
N ASN A 102 -7.50 -6.47 -13.95
CA ASN A 102 -8.03 -5.47 -14.87
C ASN A 102 -8.98 -4.52 -14.17
N ASP A 103 -8.93 -4.48 -12.83
CA ASP A 103 -9.81 -3.60 -12.06
C ASP A 103 -9.01 -2.57 -11.27
N LEU A 104 -9.60 -1.41 -11.06
CA LEU A 104 -8.94 -0.33 -10.32
C LEU A 104 -9.58 -0.15 -8.94
N THR A 105 -8.80 0.30 -7.97
CA THR A 105 -9.35 0.66 -6.66
C THR A 105 -8.63 1.92 -6.19
N LEU A 106 -9.26 2.68 -5.30
CA LEU A 106 -8.57 3.82 -4.72
C LEU A 106 -7.23 3.39 -4.13
N SER A 107 -7.23 2.33 -3.32
CA SER A 107 -5.99 1.84 -2.71
C SER A 107 -4.89 1.54 -3.72
N ARG A 108 -5.23 0.79 -4.75
CA ARG A 108 -4.26 0.49 -5.80
C ARG A 108 -3.70 1.77 -6.42
N ILE A 109 -4.59 2.64 -6.91
CA ILE A 109 -4.17 3.93 -7.47
C ILE A 109 -3.25 4.71 -6.52
N ALA A 110 -3.64 4.79 -5.24
CA ALA A 110 -2.83 5.49 -4.24
C ALA A 110 -1.44 4.83 -4.11
N ALA A 111 -1.39 3.52 -4.32
CA ALA A 111 -0.16 2.76 -4.14
C ALA A 111 0.75 2.97 -5.35
N ALA A 112 0.15 2.93 -6.55
CA ALA A 112 0.90 3.10 -7.79
C ALA A 112 1.59 4.46 -7.80
N PHE A 113 0.97 5.44 -7.14
CA PHE A 113 1.48 6.81 -7.18
C PHE A 113 1.93 7.26 -5.80
N ALA A 114 2.48 6.31 -5.04
CA ALA A 114 2.87 6.50 -3.65
C ALA A 114 3.65 7.79 -3.37
N GLY A 115 4.59 8.12 -4.26
CA GLY A 115 5.38 9.33 -4.09
C GLY A 115 4.52 10.58 -3.98
N TRP A 116 3.37 10.59 -4.64
CA TRP A 116 2.49 11.74 -4.51
C TRP A 116 1.55 11.60 -3.29
N THR A 117 0.97 10.40 -3.17
CA THR A 117 0.13 10.02 -2.05
C THR A 117 0.70 10.51 -0.72
N CYS A 118 2.01 10.32 -0.53
CA CYS A 118 2.63 10.62 0.75
C CYS A 118 2.87 12.11 0.96
N GLN A 119 2.91 12.90 -0.11
CA GLN A 119 2.96 14.34 0.09
C GLN A 119 1.57 14.86 0.42
N ALA A 120 0.56 14.27 -0.23
CA ALA A 120 -0.80 14.72 0.01
C ALA A 120 -1.20 14.44 1.47
N ALA A 121 -0.73 13.31 2.02
CA ALA A 121 -1.06 12.97 3.41
C ALA A 121 -0.64 14.08 4.39
N GLU A 122 0.45 14.78 4.07
CA GLU A 122 0.89 15.92 4.88
C GLU A 122 -0.15 17.05 4.86
N VAL A 123 -0.79 17.23 3.71
CA VAL A 123 -1.77 18.30 3.53
C VAL A 123 -3.08 17.97 4.21
N VAL A 124 -3.56 16.73 4.05
CA VAL A 124 -4.83 16.30 4.61
C VAL A 124 -4.68 15.57 5.95
N GLN A 125 -3.60 15.86 6.68
CA GLN A 125 -3.29 15.12 7.91
C GLN A 125 -4.38 15.16 9.00
N ASP A 126 -5.16 16.24 9.07
CA ASP A 126 -6.17 16.38 10.11
C ASP A 126 -7.42 15.57 9.78
N TYR A 127 -7.43 14.94 8.60
CA TYR A 127 -8.60 14.23 8.11
C TYR A 127 -8.27 12.79 7.77
N LEU A 128 -7.14 12.34 8.31
CA LEU A 128 -6.69 10.96 8.13
C LEU A 128 -7.29 10.10 9.25
N PRO A 129 -7.50 8.81 8.98
CA PRO A 129 -8.01 7.88 9.99
C PRO A 129 -7.23 8.06 11.30
N VAL A 130 -5.91 7.92 11.24
CA VAL A 130 -5.04 8.31 12.33
C VAL A 130 -4.42 9.66 11.97
N THR A 131 -4.60 10.65 12.84
CA THR A 131 -4.23 12.02 12.52
C THR A 131 -2.74 12.33 12.83
N GLY A 132 -2.21 13.40 12.23
CA GLY A 132 -0.85 13.82 12.51
C GLY A 132 -0.61 14.11 13.99
N ARG A 133 -1.54 14.87 14.58
CA ARG A 133 -1.49 15.20 16.01
C ARG A 133 -1.58 13.94 16.87
N ALA A 134 -2.41 12.99 16.45
CA ALA A 134 -2.55 11.73 17.15
C ALA A 134 -1.21 11.03 17.21
N MET A 135 -0.48 11.04 16.09
CA MET A 135 0.87 10.47 16.05
C MET A 135 1.85 11.29 16.89
N ASP A 136 1.65 12.62 16.92
CA ASP A 136 2.56 13.49 17.67
C ASP A 136 2.60 13.07 19.15
N ALA A 137 1.43 12.69 19.66
CA ALA A 137 1.33 12.19 21.03
C ALA A 137 2.18 10.94 21.26
N ILE A 138 2.28 10.07 20.25
CA ILE A 138 3.11 8.87 20.35
C ILE A 138 4.60 9.17 20.16
N SER A 139 4.92 9.90 19.09
CA SER A 139 6.27 10.41 18.88
C SER A 139 6.14 11.81 18.29
N ASP A 140 6.81 12.78 18.89
CA ASP A 140 6.59 14.18 18.53
C ASP A 140 7.16 14.53 17.15
N LYS A 141 6.49 15.47 16.48
CA LYS A 141 6.81 15.84 15.09
C LYS A 141 6.91 14.61 14.16
N PHE A 142 6.00 13.65 14.32
CA PHE A 142 6.05 12.43 13.52
C PHE A 142 5.88 12.73 12.03
N PRO A 143 6.81 12.22 11.21
CA PRO A 143 6.86 12.57 9.78
C PRO A 143 5.65 12.08 8.99
N ARG A 144 4.85 13.04 8.52
CA ARG A 144 3.59 12.75 7.83
C ARG A 144 3.76 11.91 6.58
N ALA A 145 4.89 12.09 5.88
CA ALA A 145 5.17 11.31 4.67
C ALA A 145 5.10 9.81 4.93
N LEU A 146 5.29 9.39 6.18
CA LEU A 146 5.22 7.98 6.55
C LEU A 146 3.77 7.48 6.69
N MET A 147 2.85 8.43 6.86
CA MET A 147 1.49 8.12 7.32
C MET A 147 0.53 7.64 6.24
N HIS A 148 0.91 6.58 5.54
CA HIS A 148 0.03 5.90 4.59
C HIS A 148 0.73 4.62 4.19
N PRO A 149 -0.02 3.53 4.02
CA PRO A 149 0.56 2.21 3.71
C PRO A 149 1.41 2.21 2.45
N SER A 150 1.03 3.02 1.45
CA SER A 150 1.77 3.08 0.19
C SER A 150 3.24 3.53 0.35
N PHE A 151 3.56 4.24 1.44
CA PHE A 151 4.93 4.63 1.72
C PHE A 151 5.92 3.48 1.57
N ALA A 152 5.50 2.27 1.96
CA ALA A 152 6.37 1.09 1.89
C ALA A 152 7.11 0.98 0.56
N GLY A 153 6.44 1.38 -0.53
CA GLY A 153 7.01 1.22 -1.86
C GLY A 153 8.09 2.25 -2.15
N LEU A 154 8.27 3.20 -1.22
CA LEU A 154 9.23 4.27 -1.40
C LEU A 154 10.55 3.97 -0.67
N VAL A 155 10.58 2.85 0.05
CA VAL A 155 11.77 2.49 0.81
C VAL A 155 12.89 1.95 -0.10
N ASP A 156 14.08 2.56 -0.04
CA ASP A 156 15.25 2.03 -0.73
C ASP A 156 16.00 1.06 0.17
N PRO A 157 15.88 -0.25 -0.12
CA PRO A 157 16.43 -1.34 0.70
C PRO A 157 17.95 -1.52 0.54
N THR A 158 18.53 -0.87 -0.47
CA THR A 158 19.98 -0.90 -0.66
C THR A 158 20.68 0.10 0.26
N LEU A 159 19.89 0.90 0.97
CA LEU A 159 20.44 1.89 1.93
C LEU A 159 21.23 1.15 3.03
N PRO A 160 22.10 1.88 3.77
CA PRO A 160 22.75 1.24 4.92
C PRO A 160 21.66 0.60 5.79
N GLU A 161 21.85 -0.66 6.15
CA GLU A 161 20.86 -1.43 6.91
C GLU A 161 20.30 -0.69 8.14
N GLY A 162 21.16 0.06 8.84
CA GLY A 162 20.73 0.80 10.02
C GLY A 162 19.67 1.81 9.68
N VAL A 163 19.81 2.41 8.50
CA VAL A 163 18.90 3.46 8.06
C VAL A 163 17.56 2.89 7.57
N VAL A 164 17.63 1.83 6.75
CA VAL A 164 16.43 1.12 6.31
C VAL A 164 15.62 0.78 7.57
N GLU A 165 16.31 0.23 8.56
CA GLU A 165 15.71 -0.19 9.81
C GLU A 165 14.99 0.96 10.53
N ASP A 166 15.64 2.12 10.61
CA ASP A 166 14.99 3.29 11.22
C ASP A 166 13.74 3.73 10.44
N ILE A 167 13.80 3.68 9.11
CA ILE A 167 12.71 4.17 8.28
C ILE A 167 11.48 3.24 8.39
N VAL A 168 11.72 1.95 8.16
CA VAL A 168 10.72 0.92 8.38
C VAL A 168 10.09 0.98 9.78
N HIS A 169 10.92 0.93 10.82
CA HIS A 169 10.40 0.94 12.19
C HIS A 169 9.54 2.16 12.48
N ALA A 170 9.96 3.34 12.02
CA ALA A 170 9.17 4.54 12.19
C ALA A 170 7.80 4.44 11.49
N HIS A 171 7.80 3.81 10.30
CA HIS A 171 6.59 3.64 9.51
C HIS A 171 5.70 2.61 10.18
N CYS A 172 6.33 1.57 10.73
CA CYS A 172 5.63 0.52 11.48
C CYS A 172 4.85 1.09 12.67
N LEU A 173 5.42 2.08 13.34
CA LEU A 173 4.73 2.72 14.46
C LEU A 173 3.42 3.35 13.99
N PHE A 174 3.44 3.93 12.79
CA PHE A 174 2.23 4.51 12.25
C PHE A 174 1.30 3.37 11.85
N MET A 175 1.88 2.33 11.27
CA MET A 175 1.06 1.23 10.77
C MET A 175 0.33 0.52 11.91
N ILE A 176 0.89 0.61 13.11
CA ILE A 176 0.24 0.01 14.27
C ILE A 176 -1.06 0.76 14.57
N GLN A 177 -0.97 2.08 14.77
CA GLN A 177 -2.15 2.90 14.98
C GLN A 177 -3.15 2.76 13.84
N PHE A 178 -2.63 2.81 12.62
CA PHE A 178 -3.47 2.71 11.44
C PHE A 178 -4.21 1.39 11.43
N SER A 179 -3.46 0.29 11.55
CA SER A 179 -4.03 -1.03 11.39
C SER A 179 -5.11 -1.28 12.45
N LYS A 180 -4.89 -0.75 13.65
CA LYS A 180 -5.86 -0.81 14.75
C LYS A 180 -7.10 0.01 14.41
N THR A 181 -6.90 1.23 13.93
CA THR A 181 -8.01 2.12 13.61
C THR A 181 -8.93 1.52 12.54
N ILE A 182 -8.33 0.80 11.58
CA ILE A 182 -9.08 0.19 10.49
C ILE A 182 -9.69 -1.16 10.89
N ASN A 183 -9.08 -1.83 11.88
CA ASN A 183 -9.61 -3.10 12.38
C ASN A 183 -9.69 -3.11 13.90
N PRO A 184 -10.87 -2.74 14.45
CA PRO A 184 -11.03 -2.64 15.91
C PRO A 184 -10.81 -3.98 16.59
N SER A 185 -10.94 -5.07 15.82
CA SER A 185 -10.63 -6.41 16.29
C SER A 185 -9.18 -6.55 16.77
N LEU A 186 -8.36 -5.54 16.51
CA LEU A 186 -6.95 -5.58 16.88
C LEU A 186 -6.61 -4.60 18.01
N ARG A 187 -7.55 -3.70 18.33
CA ARG A 187 -7.26 -2.62 19.30
C ARG A 187 -6.82 -3.11 20.70
N SER A 188 -6.83 -4.42 20.90
CA SER A 188 -6.38 -5.02 22.15
C SER A 188 -5.28 -6.06 21.91
N SER A 189 -5.09 -6.41 20.64
CA SER A 189 -4.07 -7.40 20.23
C SER A 189 -2.63 -6.99 20.61
N SER A 190 -1.72 -7.97 20.63
CA SER A 190 -0.31 -7.70 20.93
C SER A 190 0.37 -7.00 19.76
N LYS A 191 1.55 -6.44 20.02
CA LYS A 191 2.23 -5.67 19.00
C LYS A 191 2.77 -6.57 17.90
N SER A 192 3.17 -7.79 18.26
CA SER A 192 3.60 -8.76 17.26
C SER A 192 2.43 -9.19 16.41
N GLU A 193 1.23 -9.13 16.98
CA GLU A 193 0.02 -9.54 16.28
C GLU A 193 -0.43 -8.48 15.28
N VAL A 194 -0.53 -7.24 15.74
CA VAL A 194 -0.87 -6.14 14.85
C VAL A 194 0.09 -6.08 13.66
N VAL A 195 1.40 -6.14 13.94
CA VAL A 195 2.44 -6.09 12.90
C VAL A 195 2.29 -7.24 11.88
N SER A 196 1.83 -8.40 12.35
CA SER A 196 1.52 -9.51 11.45
C SER A 196 0.44 -9.14 10.42
N SER A 197 -0.40 -8.18 10.78
CA SER A 197 -1.50 -7.78 9.89
C SER A 197 -1.10 -6.83 8.75
N PHE A 198 0.17 -6.42 8.69
CA PHE A 198 0.61 -5.56 7.59
C PHE A 198 2.01 -5.82 7.08
N ASP A 199 2.77 -6.64 7.78
CA ASP A 199 4.20 -6.76 7.41
C ASP A 199 4.47 -7.54 6.12
N ARG A 200 3.61 -8.51 5.78
CA ARG A 200 3.76 -9.22 4.50
C ARG A 200 3.71 -8.27 3.27
N PRO A 201 2.58 -7.50 3.11
CA PRO A 201 2.55 -6.61 1.94
C PRO A 201 3.55 -5.46 2.07
N MET A 202 3.88 -5.08 3.30
CA MET A 202 4.90 -4.07 3.51
C MET A 202 6.25 -4.55 2.95
N GLN A 203 6.66 -5.76 3.34
CA GLN A 203 7.92 -6.31 2.82
C GLN A 203 7.87 -6.43 1.32
N ALA A 204 6.74 -6.87 0.78
CA ALA A 204 6.56 -7.01 -0.67
C ALA A 204 6.84 -5.70 -1.43
N ALA A 205 6.40 -4.58 -0.86
CA ALA A 205 6.59 -3.29 -1.50
C ALA A 205 8.01 -2.77 -1.30
N ILE A 206 8.61 -3.09 -0.15
CA ILE A 206 9.98 -2.69 0.13
C ILE A 206 10.92 -3.35 -0.88
N ASN A 207 10.64 -4.61 -1.17
CA ASN A 207 11.48 -5.42 -2.06
C ASN A 207 10.91 -5.59 -3.47
N SER A 208 9.94 -4.76 -3.80
CA SER A 208 9.33 -4.77 -5.13
C SER A 208 10.30 -4.25 -6.18
N PRO A 209 10.24 -4.81 -7.40
CA PRO A 209 11.05 -4.29 -8.51
C PRO A 209 10.45 -3.04 -9.18
N PHE A 210 9.33 -2.52 -8.66
CA PHE A 210 8.81 -1.27 -9.20
C PHE A 210 9.39 -0.05 -8.47
N LEU A 211 9.98 0.84 -9.25
CA LEU A 211 10.85 1.95 -8.77
C LEU A 211 12.20 1.38 -8.34
N THR A 212 13.24 1.77 -9.07
CA THR A 212 14.62 1.39 -8.72
C THR A 212 15.02 1.98 -7.38
N ALA A 213 16.04 1.37 -6.78
CA ALA A 213 16.62 1.85 -5.54
C ALA A 213 16.90 3.35 -5.61
N GLY A 214 17.55 3.78 -6.69
CA GLY A 214 17.87 5.18 -6.89
C GLY A 214 16.63 6.04 -6.92
N ASN A 215 15.60 5.56 -7.62
CA ASN A 215 14.31 6.25 -7.67
C ASN A 215 13.69 6.45 -6.29
N ARG A 216 13.58 5.36 -5.55
CA ARG A 216 13.04 5.40 -4.19
C ARG A 216 13.83 6.34 -3.30
N ARG A 217 15.17 6.21 -3.34
CA ARG A 217 16.07 7.07 -2.58
C ARG A 217 15.86 8.55 -2.89
N ASP A 218 15.76 8.88 -4.18
CA ASP A 218 15.52 10.26 -4.59
C ASP A 218 14.22 10.80 -4.03
N ILE A 219 13.19 9.96 -3.97
CA ILE A 219 11.92 10.42 -3.42
C ILE A 219 12.02 10.66 -1.90
N LEU A 220 12.68 9.74 -1.19
CA LEU A 220 12.93 9.91 0.24
C LEU A 220 13.67 11.22 0.55
N MET A 221 14.63 11.60 -0.29
CA MET A 221 15.33 12.87 -0.09
C MET A 221 14.40 14.06 -0.32
N SER A 222 13.52 13.96 -1.30
CA SER A 222 12.59 15.05 -1.57
C SER A 222 11.64 15.24 -0.41
N LEU A 223 11.22 14.13 0.19
CA LEU A 223 10.30 14.17 1.31
C LEU A 223 10.97 14.68 2.60
N GLY A 224 12.29 14.82 2.60
CA GLY A 224 13.00 15.25 3.80
C GLY A 224 13.22 14.13 4.79
N LEU A 225 12.99 12.89 4.35
CA LEU A 225 13.13 11.73 5.22
C LEU A 225 14.59 11.38 5.46
N ILE A 226 15.42 11.57 4.43
CA ILE A 226 16.88 11.43 4.56
C ILE A 226 17.53 12.64 3.90
N ASN A 227 18.71 13.05 4.36
CA ASN A 227 19.45 14.10 3.65
C ASN A 227 20.27 13.51 2.48
N SER A 228 20.98 14.35 1.73
CA SER A 228 21.73 13.85 0.57
C SER A 228 22.88 12.94 0.98
N ASN A 229 23.25 13.01 2.26
CA ASN A 229 24.27 12.14 2.84
C ASN A 229 23.72 10.87 3.48
N LEU A 230 22.46 10.52 3.16
CA LEU A 230 21.87 9.24 3.58
C LEU A 230 21.49 9.16 5.07
N LYS A 231 21.53 10.30 5.78
CA LYS A 231 21.18 10.33 7.21
C LYS A 231 19.72 10.73 7.43
N PRO A 232 18.95 9.84 8.09
CA PRO A 232 17.51 10.05 8.31
C PRO A 232 17.28 11.22 9.24
N SER A 233 16.13 11.89 9.07
CA SER A 233 15.65 12.95 9.94
C SER A 233 15.71 12.51 11.42
N PRO A 234 15.99 13.44 12.34
CA PRO A 234 15.97 13.12 13.78
C PRO A 234 14.59 12.60 14.18
N THR A 235 13.60 13.25 13.59
CA THR A 235 12.20 12.93 13.77
C THR A 235 11.85 11.46 13.38
N VAL A 236 12.61 10.89 12.45
CA VAL A 236 12.39 9.51 11.98
C VAL A 236 13.09 8.52 12.91
N VAL A 237 14.29 8.89 13.35
CA VAL A 237 15.02 8.11 14.33
C VAL A 237 14.23 8.05 15.63
N ALA A 238 13.76 9.22 16.06
CA ALA A 238 12.90 9.34 17.24
C ALA A 238 11.77 8.31 17.23
N ALA A 239 10.91 8.37 16.20
CA ALA A 239 9.81 7.42 16.06
C ALA A 239 10.27 5.96 16.05
N ALA A 240 11.42 5.68 15.46
CA ALA A 240 11.97 4.31 15.46
C ALA A 240 12.29 3.85 16.89
N LYS A 241 12.83 4.75 17.72
CA LYS A 241 13.06 4.44 19.13
C LYS A 241 11.77 4.01 19.82
N VAL A 242 10.74 4.85 19.73
CA VAL A 242 9.44 4.56 20.33
C VAL A 242 8.90 3.20 19.87
N TYR A 243 9.02 2.90 18.58
CA TYR A 243 8.60 1.58 18.10
C TYR A 243 9.39 0.44 18.75
N ARG A 244 10.66 0.71 19.06
CA ARG A 244 11.54 -0.37 19.49
C ARG A 244 11.36 -0.70 20.96
N LYS A 245 10.84 0.27 21.71
CA LYS A 245 10.37 0.08 23.09
C LYS A 245 8.98 -0.58 23.07
N LEU A 246 8.88 -1.71 22.36
CA LEU A 246 7.61 -2.41 22.10
C LEU A 246 6.99 -3.07 23.32
#